data_3ZOI
#
_entry.id   3ZOI
#
_cell.length_a   46.480
_cell.length_b   70.790
_cell.length_c   100.510
_cell.angle_alpha   90.00
_cell.angle_beta   90.00
_cell.angle_gamma   90.00
#
_symmetry.space_group_name_H-M   'P 21 21 21'
#
loop_
_entity.id
_entity.type
_entity.pdbx_description
1 polymer 'ISOPENICILLIN N SYNTHASE'
2 non-polymer DELTA-(L-ALPHA-AMINOADIPOYL)-L-CYSTEINYL-O-METHYL-D-THREONINE
3 non-polymer 'FE (III) ION'
4 non-polymer 'SULFATE ION'
5 non-polymer GLYCEROL
6 water water
#
_entity_poly.entity_id   1
_entity_poly.type   'polypeptide(L)'
_entity_poly.pdbx_seq_one_letter_code
;MGSVSKANVPKIDVSPLFGDDQAAKMRVAQQIDAASRDTGFFYAVNHGINVQRLSQKTKEFHMSITPEEKWDLAIRAYNK
EHQDQVRAGYYLSIPGKKAVESFCYLNPNFTPDHPRIQAKTPTHEVNVWPDETKHPGFQDFAEQYYWDVFGLSSALLKGY
ALALGKEENFFARHFKPDDTLASVVLIRYPYLDPYPEAAIKTAADGTKLSFEWHEDVSLITVLYQSNVQNLQVETAAGYQ
DIEADDTGYLINCGSYMAHLTNNYYKAPIHRVKWVNAERQSLPFFVNLGYDSVIDPFDPREPNGKSDREPLSYGDYLQNG
LVSLINKNGQT
;
_entity_poly.pdbx_strand_id   A
#
# COMPACT_ATOMS: atom_id res chain seq x y z
N SER A 3 -17.31 -21.51 8.28
CA SER A 3 -16.00 -22.08 8.75
C SER A 3 -15.09 -20.95 9.15
N VAL A 4 -14.97 -19.92 8.33
CA VAL A 4 -14.26 -18.71 8.74
C VAL A 4 -15.25 -17.54 8.76
N SER A 5 -15.29 -16.76 9.83
CA SER A 5 -16.24 -15.67 9.92
C SER A 5 -15.77 -14.39 9.20
N LYS A 6 -16.73 -13.64 8.72
CA LYS A 6 -16.55 -12.37 8.03
C LYS A 6 -16.05 -11.29 8.99
N ALA A 7 -14.99 -10.59 8.56
CA ALA A 7 -14.49 -9.49 9.36
C ALA A 7 -15.41 -8.33 9.17
N ASN A 8 -15.50 -7.52 10.22
CA ASN A 8 -16.21 -6.29 10.19
C ASN A 8 -15.42 -5.26 9.44
N VAL A 9 -15.80 -4.96 8.22
CA VAL A 9 -15.07 -3.96 7.44
C VAL A 9 -16.13 -2.97 6.98
N PRO A 10 -16.26 -1.84 7.72
CA PRO A 10 -17.26 -0.87 7.37
C PRO A 10 -16.95 -0.14 6.05
N LYS A 11 -17.98 0.29 5.34
CA LYS A 11 -17.89 1.16 4.21
C LYS A 11 -18.09 2.58 4.67
N ILE A 12 -17.11 3.43 4.49
CA ILE A 12 -17.12 4.77 4.99
C ILE A 12 -17.13 5.70 3.83
N ASP A 13 -18.13 6.60 3.75
CA ASP A 13 -18.18 7.60 2.73
C ASP A 13 -17.20 8.66 3.13
N VAL A 14 -16.12 8.73 2.39
CA VAL A 14 -15.03 9.67 2.71
C VAL A 14 -15.16 10.99 1.91
N SER A 15 -16.23 11.19 1.18
CA SER A 15 -16.35 12.38 0.37
CA SER A 15 -16.37 12.38 0.36
C SER A 15 -16.28 13.68 1.17
N PRO A 16 -16.75 13.69 2.44
CA PRO A 16 -16.59 14.98 3.17
C PRO A 16 -15.12 15.40 3.39
N LEU A 17 -14.19 14.46 3.29
CA LEU A 17 -12.79 14.76 3.53
C LEU A 17 -12.15 15.62 2.42
N PHE A 18 -12.80 15.69 1.27
CA PHE A 18 -12.40 16.59 0.18
C PHE A 18 -12.92 18.01 0.30
N GLY A 19 -13.84 18.27 1.22
CA GLY A 19 -14.57 19.56 1.26
C GLY A 19 -14.24 20.32 2.54
N ASP A 20 -15.13 21.27 2.85
CA ASP A 20 -14.93 22.30 3.85
C ASP A 20 -16.00 22.26 4.95
N ASP A 21 -16.77 21.19 5.05
CA ASP A 21 -17.71 21.01 6.14
C ASP A 21 -17.01 20.32 7.31
N GLN A 22 -16.57 21.11 8.29
CA GLN A 22 -15.72 20.59 9.37
C GLN A 22 -16.47 19.61 10.24
N ALA A 23 -17.74 19.87 10.51
CA ALA A 23 -18.54 18.93 11.29
C ALA A 23 -18.73 17.58 10.61
N ALA A 24 -18.96 17.62 9.30
CA ALA A 24 -19.13 16.42 8.51
C ALA A 24 -17.79 15.68 8.55
N LYS A 25 -16.68 16.43 8.39
CA LYS A 25 -15.35 15.77 8.47
C LYS A 25 -15.14 15.07 9.80
N MET A 26 -15.59 15.65 10.90
CA MET A 26 -15.44 14.99 12.20
C MET A 26 -16.27 13.70 12.31
N ARG A 27 -17.44 13.69 11.67
CA ARG A 27 -18.24 12.48 11.68
C ARG A 27 -17.54 11.36 10.88
N VAL A 28 -16.87 11.70 9.78
CA VAL A 28 -16.05 10.70 9.08
C VAL A 28 -14.90 10.22 9.96
N ALA A 29 -14.22 11.16 10.61
CA ALA A 29 -13.08 10.89 11.47
C ALA A 29 -13.50 9.86 12.57
N GLN A 30 -14.69 10.05 13.16
CA GLN A 30 -15.17 9.09 14.12
C GLN A 30 -15.26 7.66 13.54
N GLN A 31 -15.78 7.54 12.31
CA GLN A 31 -15.86 6.25 11.68
C GLN A 31 -14.52 5.59 11.43
N ILE A 32 -13.51 6.40 11.08
CA ILE A 32 -12.15 5.92 10.89
C ILE A 32 -11.59 5.48 12.25
N ASP A 33 -11.85 6.24 13.27
CA ASP A 33 -11.40 5.86 14.66
C ASP A 33 -11.97 4.52 15.05
N ALA A 34 -13.28 4.38 14.84
CA ALA A 34 -14.01 3.16 15.13
C ALA A 34 -13.38 1.96 14.39
N ALA A 35 -13.24 2.10 13.08
CA ALA A 35 -12.73 1.04 12.27
C ALA A 35 -11.26 0.71 12.67
N SER A 36 -10.46 1.74 12.95
CA SER A 36 -9.05 1.56 13.29
C SER A 36 -8.89 0.86 14.66
N ARG A 37 -9.82 1.08 15.58
CA ARG A 37 -9.76 0.45 16.91
C ARG A 37 -10.33 -0.98 16.88
N ASP A 38 -11.13 -1.31 15.89
CA ASP A 38 -11.79 -2.64 15.79
C ASP A 38 -10.91 -3.56 14.94
N THR A 39 -11.29 -3.95 13.72
CA THR A 39 -10.46 -4.89 12.93
C THR A 39 -9.28 -4.16 12.23
N GLY A 40 -9.34 -2.84 12.12
CA GLY A 40 -8.24 -2.09 11.54
C GLY A 40 -8.42 -1.93 10.04
N PHE A 41 -9.55 -2.37 9.47
CA PHE A 41 -9.80 -2.23 8.05
C PHE A 41 -11.10 -1.52 7.86
N PHE A 42 -11.15 -0.72 6.81
CA PHE A 42 -12.45 -0.23 6.25
C PHE A 42 -12.37 0.01 4.74
N TYR A 43 -13.54 0.04 4.07
CA TYR A 43 -13.60 0.49 2.68
C TYR A 43 -13.92 1.92 2.63
N ALA A 44 -13.11 2.68 1.87
CA ALA A 44 -13.38 4.06 1.54
C ALA A 44 -14.25 4.03 0.28
N VAL A 45 -15.44 4.59 0.41
CA VAL A 45 -16.35 4.77 -0.69
C VAL A 45 -16.62 6.23 -0.99
N ASN A 46 -17.15 6.48 -2.16
CA ASN A 46 -17.34 7.88 -2.66
C ASN A 46 -16.01 8.61 -2.64
N HIS A 47 -15.03 7.91 -3.18
CA HIS A 47 -13.62 8.34 -3.15
C HIS A 47 -13.24 9.14 -4.38
N GLY A 48 -14.08 9.08 -5.42
CA GLY A 48 -13.90 9.87 -6.60
C GLY A 48 -12.96 9.33 -7.65
N ILE A 49 -12.33 8.22 -7.38
CA ILE A 49 -11.42 7.60 -8.33
C ILE A 49 -12.10 6.61 -9.31
N ASN A 50 -11.72 6.73 -10.57
CA ASN A 50 -12.24 5.83 -11.60
C ASN A 50 -11.47 4.49 -11.52
N VAL A 51 -11.93 3.60 -10.67
CA VAL A 51 -11.26 2.33 -10.46
C VAL A 51 -11.45 1.32 -11.61
N GLN A 52 -12.57 1.41 -12.31
CA GLN A 52 -12.81 0.49 -13.40
C GLN A 52 -11.82 0.77 -14.51
N ARG A 53 -11.57 2.07 -14.76
CA ARG A 53 -10.54 2.47 -15.73
C ARG A 53 -9.12 2.07 -15.30
N LEU A 54 -8.77 2.31 -14.04
CA LEU A 54 -7.53 1.76 -13.48
C LEU A 54 -7.41 0.27 -13.77
N SER A 55 -8.44 -0.51 -13.44
CA SER A 55 -8.46 -1.93 -13.75
C SER A 55 -8.25 -2.29 -15.19
N GLN A 56 -8.90 -1.54 -16.07
CA GLN A 56 -8.76 -1.78 -17.47
C GLN A 56 -7.35 -1.48 -18.07
N LYS A 57 -6.82 -0.32 -17.70
CA LYS A 57 -5.50 0.09 -18.10
C LYS A 57 -4.46 -0.88 -17.56
N THR A 58 -4.65 -1.31 -16.32
CA THR A 58 -3.69 -2.26 -15.68
C THR A 58 -3.70 -3.65 -16.34
N LYS A 59 -4.90 -4.10 -16.66
CA LYS A 59 -5.10 -5.33 -17.40
C LYS A 59 -4.45 -5.26 -18.78
N GLU A 60 -4.68 -4.15 -19.52
CA GLU A 60 -4.04 -4.00 -20.83
C GLU A 60 -2.54 -4.13 -20.77
N PHE A 61 -1.92 -3.50 -19.78
CA PHE A 61 -0.49 -3.62 -19.51
C PHE A 61 -0.06 -5.05 -19.15
N HIS A 62 -0.63 -5.63 -18.09
CA HIS A 62 -0.19 -6.94 -17.69
C HIS A 62 -0.33 -7.99 -18.82
N MET A 63 -1.37 -7.91 -19.60
CA MET A 63 -1.61 -8.90 -20.60
C MET A 63 -0.85 -8.70 -21.87
N SER A 64 -0.25 -7.52 -22.07
CA SER A 64 0.56 -7.29 -23.23
C SER A 64 2.08 -7.19 -23.00
N ILE A 65 2.53 -7.02 -21.77
CA ILE A 65 3.97 -6.99 -21.53
C ILE A 65 4.62 -8.33 -21.88
N THR A 66 5.78 -8.31 -22.48
CA THR A 66 6.42 -9.56 -22.92
C THR A 66 7.55 -9.96 -21.96
N PRO A 67 8.00 -11.21 -22.09
CA PRO A 67 9.17 -11.60 -21.30
C PRO A 67 10.42 -10.73 -21.51
N GLU A 68 10.66 -10.30 -22.76
CA GLU A 68 11.78 -9.45 -23.11
C GLU A 68 11.67 -8.16 -22.32
N GLU A 69 10.49 -7.54 -22.39
CA GLU A 69 10.23 -6.28 -21.62
C GLU A 69 10.43 -6.40 -20.12
N LYS A 70 10.00 -7.53 -19.57
CA LYS A 70 10.11 -7.72 -18.16
C LYS A 70 11.57 -7.74 -17.71
N TRP A 71 12.44 -8.48 -18.42
CA TRP A 71 13.90 -8.41 -18.07
C TRP A 71 14.42 -6.98 -18.20
N ASP A 72 13.99 -6.27 -19.25
CA ASP A 72 14.47 -4.91 -19.55
C ASP A 72 14.12 -3.90 -18.45
N LEU A 73 12.99 -4.16 -17.78
CA LEU A 73 12.45 -3.33 -16.70
C LEU A 73 12.73 -3.92 -15.30
N ALA A 74 13.38 -5.04 -15.23
CA ALA A 74 13.43 -5.84 -13.97
C ALA A 74 14.19 -5.12 -12.87
N ILE A 75 13.71 -5.25 -11.65
CA ILE A 75 14.46 -4.80 -10.46
C ILE A 75 15.70 -5.67 -10.31
N ARG A 76 16.58 -5.13 -9.53
CA ARG A 76 17.85 -5.72 -9.18
C ARG A 76 17.80 -7.18 -8.70
N ALA A 77 16.83 -7.50 -7.87
CA ALA A 77 16.68 -8.89 -7.43
C ALA A 77 16.51 -9.94 -8.60
N TYR A 78 16.10 -9.48 -9.75
CA TYR A 78 15.95 -10.34 -10.94
C TYR A 78 16.97 -10.08 -12.01
N ASN A 79 17.59 -8.92 -12.00
CA ASN A 79 18.48 -8.49 -13.06
C ASN A 79 19.62 -7.71 -12.45
N LYS A 80 20.73 -8.40 -12.32
CA LYS A 80 21.95 -7.85 -11.67
C LYS A 80 22.45 -6.58 -12.36
N GLU A 81 22.10 -6.40 -13.62
CA GLU A 81 22.57 -5.21 -14.38
C GLU A 81 21.88 -3.89 -13.89
N HIS A 82 20.81 -4.02 -13.19
CA HIS A 82 19.99 -2.88 -12.82
C HIS A 82 20.18 -2.56 -11.33
N GLN A 83 21.43 -2.18 -11.01
CA GLN A 83 21.85 -1.95 -9.62
C GLN A 83 21.06 -0.82 -8.93
N ASP A 84 20.61 0.16 -9.68
CA ASP A 84 19.84 1.24 -9.07
C ASP A 84 18.39 0.89 -8.80
N GLN A 85 17.89 -0.23 -9.35
CA GLN A 85 16.46 -0.52 -9.24
C GLN A 85 16.21 -1.45 -8.10
N VAL A 86 16.07 -0.89 -6.91
CA VAL A 86 15.83 -1.72 -5.77
C VAL A 86 14.31 -1.85 -5.67
N ARG A 87 13.64 -0.72 -5.80
CA ARG A 87 12.17 -0.66 -5.65
C ARG A 87 11.35 -0.64 -6.92
N ALA A 88 11.70 0.24 -7.84
CA ALA A 88 10.92 0.51 -9.04
C ALA A 88 11.26 -0.40 -10.17
N GLY A 89 10.25 -0.93 -10.85
CA GLY A 89 10.40 -1.78 -12.05
C GLY A 89 9.61 -3.05 -11.90
N TYR A 90 10.03 -4.02 -12.69
CA TYR A 90 9.28 -5.23 -12.84
C TYR A 90 9.80 -6.35 -11.87
N TYR A 91 8.83 -7.01 -11.23
CA TYR A 91 9.09 -8.11 -10.35
C TYR A 91 8.57 -9.35 -11.04
N LEU A 92 9.48 -10.21 -11.49
CA LEU A 92 9.08 -11.34 -12.34
C LEU A 92 8.46 -12.52 -11.53
N SER A 93 7.53 -13.22 -12.21
CA SER A 93 7.12 -14.54 -11.86
C SER A 93 8.17 -15.56 -12.18
N ILE A 94 8.03 -16.72 -11.58
CA ILE A 94 8.95 -17.89 -11.83
C ILE A 94 8.03 -19.04 -12.07
N PRO A 95 7.61 -19.26 -13.33
CA PRO A 95 6.67 -20.35 -13.56
C PRO A 95 7.13 -21.69 -12.90
N GLY A 96 6.20 -22.38 -12.21
CA GLY A 96 6.51 -23.62 -11.46
C GLY A 96 6.89 -23.36 -10.02
N LYS A 97 7.19 -22.08 -9.70
CA LYS A 97 7.65 -21.69 -8.36
C LYS A 97 6.97 -20.52 -7.71
N LYS A 98 6.76 -19.47 -8.47
CA LYS A 98 6.26 -18.26 -7.91
C LYS A 98 5.29 -17.72 -8.95
N ALA A 99 4.04 -17.49 -8.53
CA ALA A 99 3.00 -17.12 -9.46
C ALA A 99 2.86 -15.59 -9.70
N VAL A 100 2.91 -14.83 -8.60
CA VAL A 100 2.70 -13.43 -8.62
C VAL A 100 3.82 -12.70 -9.37
N GLU A 101 3.45 -11.63 -10.07
CA GLU A 101 4.36 -10.71 -10.71
C GLU A 101 3.76 -9.33 -10.64
N SER A 102 4.60 -8.31 -10.77
CA SER A 102 4.14 -6.93 -10.56
C SER A 102 5.08 -5.91 -11.11
N PHE A 103 4.55 -4.70 -11.18
CA PHE A 103 5.28 -3.54 -11.57
C PHE A 103 5.15 -2.43 -10.59
N CYS A 104 6.25 -1.93 -10.04
CA CYS A 104 6.18 -0.92 -9.01
C CYS A 104 6.75 0.40 -9.52
N TYR A 105 6.08 1.47 -9.18
CA TYR A 105 6.60 2.79 -9.52
C TYR A 105 6.40 3.78 -8.33
N LEU A 106 7.30 4.78 -8.30
CA LEU A 106 7.42 5.73 -7.29
C LEU A 106 6.94 7.08 -7.74
N ASN A 107 7.08 8.04 -6.85
CA ASN A 107 6.90 9.44 -7.18
C ASN A 107 7.45 9.83 -8.57
N PRO A 108 6.55 10.29 -9.47
CA PRO A 108 6.98 10.76 -10.79
C PRO A 108 7.93 11.97 -10.75
N ASN A 109 7.92 12.67 -9.62
CA ASN A 109 8.79 13.81 -9.41
C ASN A 109 10.20 13.41 -9.05
N PHE A 110 10.43 12.14 -8.84
CA PHE A 110 11.85 11.66 -8.71
C PHE A 110 12.44 11.54 -10.09
N THR A 111 12.91 12.67 -10.56
CA THR A 111 13.54 12.81 -11.86
C THR A 111 15.06 12.85 -11.65
N PRO A 112 15.81 12.77 -12.75
CA PRO A 112 17.25 12.68 -12.68
C PRO A 112 17.86 13.89 -11.96
N ASP A 113 17.19 15.05 -12.07
CA ASP A 113 17.60 16.27 -11.42
C ASP A 113 17.08 16.44 -9.96
N HIS A 114 16.26 15.51 -9.49
CA HIS A 114 15.69 15.65 -8.11
C HIS A 114 16.81 15.61 -7.09
N PRO A 115 16.79 16.51 -6.12
CA PRO A 115 17.98 16.55 -5.23
C PRO A 115 18.27 15.24 -4.52
N ARG A 116 17.25 14.44 -4.31
CA ARG A 116 17.41 13.20 -3.56
C ARG A 116 17.96 12.10 -4.47
N ILE A 117 17.67 12.22 -5.74
CA ILE A 117 18.21 11.33 -6.77
C ILE A 117 19.70 11.71 -6.97
N GLN A 118 20.00 13.01 -7.09
CA GLN A 118 21.38 13.48 -7.15
C GLN A 118 22.22 12.95 -5.98
N ALA A 119 21.68 13.06 -4.78
CA ALA A 119 22.35 12.60 -3.56
C ALA A 119 22.42 11.08 -3.42
N LYS A 120 21.70 10.35 -4.27
CA LYS A 120 21.60 8.89 -4.19
C LYS A 120 21.06 8.41 -2.85
N THR A 121 20.10 9.12 -2.32
CA THR A 121 19.55 8.78 -1.00
C THR A 121 18.80 7.44 -1.18
N PRO A 122 18.99 6.49 -0.27
CA PRO A 122 18.28 5.19 -0.37
C PRO A 122 16.76 5.41 -0.45
N THR A 123 16.09 4.51 -1.16
CA THR A 123 14.65 4.43 -1.33
C THR A 123 14.12 5.41 -2.36
N HIS A 124 14.98 6.34 -2.82
CA HIS A 124 14.60 7.19 -3.99
C HIS A 124 15.18 6.67 -5.29
N GLU A 125 14.35 6.54 -6.31
CA GLU A 125 14.77 6.00 -7.63
C GLU A 125 13.97 6.71 -8.67
N VAL A 126 14.58 6.79 -9.85
CA VAL A 126 13.87 7.25 -11.02
C VAL A 126 13.07 6.07 -11.63
N ASN A 127 11.77 6.28 -11.85
CA ASN A 127 10.95 5.28 -12.48
C ASN A 127 11.43 4.78 -13.81
N VAL A 128 11.24 3.49 -14.05
CA VAL A 128 11.48 2.91 -15.39
C VAL A 128 10.14 2.59 -16.03
N TRP A 129 10.04 2.78 -17.33
CA TRP A 129 8.79 2.55 -18.02
C TRP A 129 8.99 1.72 -19.28
N PRO A 130 7.98 0.94 -19.67
CA PRO A 130 8.06 0.30 -20.98
C PRO A 130 8.06 1.30 -22.15
N ASP A 131 8.31 0.79 -23.32
CA ASP A 131 8.39 1.62 -24.55
C ASP A 131 6.98 2.14 -24.83
N GLU A 132 6.88 3.43 -25.09
CA GLU A 132 5.60 4.05 -25.35
C GLU A 132 4.86 3.46 -26.56
N THR A 133 5.56 3.11 -27.64
CA THR A 133 4.83 2.55 -28.80
C THR A 133 4.28 1.17 -28.48
N LYS A 134 4.90 0.43 -27.54
CA LYS A 134 4.38 -0.89 -27.15
C LYS A 134 3.20 -0.82 -26.15
N HIS A 135 3.18 0.26 -25.38
CA HIS A 135 2.21 0.48 -24.32
C HIS A 135 1.70 1.87 -24.42
N PRO A 136 1.02 2.18 -25.53
CA PRO A 136 0.64 3.58 -25.67
C PRO A 136 -0.25 4.07 -24.50
N GLY A 137 0.11 5.20 -23.94
CA GLY A 137 -0.70 5.86 -22.90
C GLY A 137 -0.45 5.33 -21.52
N PHE A 138 0.30 4.25 -21.40
CA PHE A 138 0.43 3.64 -20.10
C PHE A 138 1.16 4.50 -19.03
N GLN A 139 2.32 5.01 -19.38
CA GLN A 139 3.12 5.83 -18.44
C GLN A 139 2.23 7.03 -18.03
N ASP A 140 1.62 7.69 -18.99
CA ASP A 140 0.82 8.86 -18.66
C ASP A 140 -0.36 8.53 -17.76
N PHE A 141 -1.01 7.40 -18.07
CA PHE A 141 -2.09 6.90 -17.24
C PHE A 141 -1.63 6.62 -15.80
N ALA A 142 -0.54 5.90 -15.68
CA ALA A 142 0.00 5.46 -14.38
C ALA A 142 0.47 6.65 -13.54
N GLU A 143 1.13 7.62 -14.20
CA GLU A 143 1.55 8.79 -13.45
C GLU A 143 0.34 9.62 -12.98
N GLN A 144 -0.66 9.75 -13.82
CA GLN A 144 -1.90 10.44 -13.40
C GLN A 144 -2.61 9.68 -12.26
N TYR A 145 -2.62 8.36 -12.36
CA TYR A 145 -3.17 7.54 -11.28
C TYR A 145 -2.47 7.86 -9.94
N TYR A 146 -1.15 7.91 -9.95
CA TYR A 146 -0.38 8.24 -8.78
C TYR A 146 -0.96 9.49 -8.13
N TRP A 147 -1.15 10.55 -8.93
CA TRP A 147 -1.70 11.80 -8.43
C TRP A 147 -3.16 11.71 -7.95
N ASP A 148 -4.00 10.93 -8.61
CA ASP A 148 -5.39 10.70 -8.18
C ASP A 148 -5.44 9.97 -6.85
N VAL A 149 -4.64 8.88 -6.70
CA VAL A 149 -4.61 8.16 -5.39
C VAL A 149 -3.85 8.97 -4.29
N PHE A 150 -2.86 9.76 -4.69
CA PHE A 150 -2.22 10.71 -3.78
C PHE A 150 -3.23 11.65 -3.19
N GLY A 151 -4.11 12.20 -4.04
CA GLY A 151 -5.25 13.05 -3.60
C GLY A 151 -6.20 12.42 -2.58
N LEU A 152 -6.61 11.21 -2.93
CA LEU A 152 -7.42 10.41 -2.02
C LEU A 152 -6.70 10.20 -0.73
N SER A 153 -5.46 9.80 -0.83
CA SER A 153 -4.66 9.58 0.35
C SER A 153 -4.54 10.81 1.28
N SER A 154 -4.31 11.97 0.70
CA SER A 154 -4.25 13.21 1.46
C SER A 154 -5.56 13.41 2.22
N ALA A 155 -6.69 13.14 1.56
CA ALA A 155 -7.97 13.31 2.20
C ALA A 155 -8.11 12.32 3.38
N LEU A 156 -7.74 11.07 3.16
CA LEU A 156 -7.77 10.09 4.21
C LEU A 156 -6.95 10.49 5.37
N LEU A 157 -5.76 11.03 5.06
CA LEU A 157 -4.86 11.43 6.15
C LEU A 157 -5.46 12.57 7.00
N LYS A 158 -6.19 13.47 6.36
CA LYS A 158 -6.97 14.50 7.09
C LYS A 158 -7.98 13.83 8.06
N GLY A 159 -8.65 12.76 7.59
CA GLY A 159 -9.56 11.96 8.43
C GLY A 159 -8.82 11.30 9.62
N TYR A 160 -7.72 10.64 9.36
CA TYR A 160 -6.99 9.98 10.46
C TYR A 160 -6.47 11.03 11.49
N ALA A 161 -5.99 12.19 11.02
CA ALA A 161 -5.50 13.22 11.91
C ALA A 161 -6.62 13.73 12.85
N LEU A 162 -7.77 14.04 12.24
CA LEU A 162 -8.94 14.46 13.04
C LEU A 162 -9.30 13.37 14.04
N ALA A 163 -9.23 12.12 13.61
CA ALA A 163 -9.66 11.00 14.42
C ALA A 163 -8.79 10.87 15.67
N LEU A 164 -7.52 11.27 15.54
CA LEU A 164 -6.54 11.18 16.63
C LEU A 164 -6.52 12.46 17.50
N GLY A 165 -7.46 13.39 17.29
CA GLY A 165 -7.49 14.62 18.10
C GLY A 165 -6.53 15.68 17.64
N LYS A 166 -6.09 15.59 16.38
CA LYS A 166 -5.07 16.55 15.85
C LYS A 166 -5.73 17.44 14.82
N GLU A 167 -5.00 18.49 14.38
CA GLU A 167 -5.42 19.34 13.29
CA GLU A 167 -5.42 19.35 13.28
C GLU A 167 -5.34 18.51 11.97
N GLU A 168 -6.15 18.83 10.96
CA GLU A 168 -6.30 17.89 9.84
C GLU A 168 -5.01 17.76 9.02
N ASN A 169 -4.07 18.70 9.13
CA ASN A 169 -2.84 18.57 8.32
CA ASN A 169 -2.78 18.70 8.38
C ASN A 169 -1.68 17.89 9.10
N PHE A 170 -2.04 17.24 10.22
CA PHE A 170 -1.01 16.65 11.08
C PHE A 170 -0.12 15.61 10.32
N PHE A 171 -0.71 14.77 9.50
CA PHE A 171 0.07 13.81 8.68
C PHE A 171 0.35 14.42 7.33
N ALA A 172 -0.72 14.98 6.76
CA ALA A 172 -0.67 15.48 5.38
C ALA A 172 0.42 16.50 5.14
N ARG A 173 0.82 17.28 6.15
CA ARG A 173 1.89 18.23 5.94
C ARG A 173 3.27 17.58 5.62
N HIS A 174 3.42 16.31 5.98
CA HIS A 174 4.60 15.47 5.66
C HIS A 174 4.42 14.63 4.40
N PHE A 175 3.26 14.77 3.76
CA PHE A 175 2.93 13.98 2.57
C PHE A 175 2.85 14.91 1.37
N LYS A 176 3.92 15.09 0.62
CA LYS A 176 4.04 16.23 -0.29
C LYS A 176 4.43 15.72 -1.66
N PRO A 177 3.84 16.28 -2.73
CA PRO A 177 4.18 15.86 -4.10
C PRO A 177 5.67 15.82 -4.39
N ASP A 178 6.42 16.77 -3.82
CA ASP A 178 7.82 16.90 -4.22
C ASP A 178 8.65 15.84 -3.55
N ASP A 179 8.22 15.23 -2.46
CA ASP A 179 9.15 14.26 -1.82
C ASP A 179 8.59 12.96 -1.30
N THR A 180 7.29 12.69 -1.51
CA THR A 180 6.71 11.50 -0.93
C THR A 180 7.41 10.24 -1.43
N LEU A 181 7.69 9.34 -0.52
CA LEU A 181 8.19 8.01 -0.86
C LEU A 181 7.14 6.98 -1.17
N ALA A 182 5.92 7.43 -1.39
CA ALA A 182 4.77 6.53 -1.67
C ALA A 182 5.02 5.78 -3.00
N SER A 183 4.50 4.56 -3.06
CA SER A 183 4.60 3.71 -4.26
C SER A 183 3.24 3.16 -4.66
N VAL A 184 3.08 2.95 -5.97
CA VAL A 184 2.05 2.14 -6.59
C VAL A 184 2.67 0.80 -6.99
N VAL A 185 1.93 -0.30 -6.70
CA VAL A 185 2.28 -1.60 -7.22
C VAL A 185 1.09 -2.16 -7.99
N LEU A 186 1.33 -2.55 -9.24
CA LEU A 186 0.35 -3.13 -10.13
C LEU A 186 0.64 -4.64 -10.12
N ILE A 187 -0.05 -5.31 -9.24
CA ILE A 187 0.21 -6.73 -8.98
C ILE A 187 -0.76 -7.60 -9.77
N ARG A 188 -0.18 -8.55 -10.53
CA ARG A 188 -0.96 -9.59 -11.20
C ARG A 188 -0.90 -10.93 -10.44
N TYR A 189 -2.06 -11.41 -9.98
CA TYR A 189 -2.16 -12.74 -9.45
C TYR A 189 -2.83 -13.55 -10.57
N PRO A 190 -2.10 -14.51 -11.16
CA PRO A 190 -2.64 -15.28 -12.26
C PRO A 190 -3.53 -16.46 -11.90
N TYR A 191 -4.37 -16.80 -12.84
CA TYR A 191 -4.97 -18.15 -12.93
C TYR A 191 -3.96 -19.09 -13.57
N LEU A 192 -3.74 -20.23 -12.95
CA LEU A 192 -2.83 -21.25 -13.46
C LEU A 192 -3.43 -22.58 -13.36
N ASP A 193 -3.33 -23.37 -14.44
CA ASP A 193 -3.84 -24.74 -14.41
C ASP A 193 -2.79 -25.62 -15.09
N PRO A 194 -2.07 -26.44 -14.30
CA PRO A 194 -2.17 -26.58 -12.82
C PRO A 194 -1.43 -25.50 -12.13
N TYR A 195 -1.83 -25.22 -10.89
CA TYR A 195 -1.21 -24.15 -10.10
C TYR A 195 -0.11 -24.85 -9.32
N PRO A 196 1.12 -24.41 -9.44
CA PRO A 196 2.19 -25.17 -8.78
C PRO A 196 2.16 -25.08 -7.26
N GLU A 197 2.26 -26.24 -6.63
CA GLU A 197 2.25 -26.33 -5.17
C GLU A 197 3.37 -25.49 -4.57
N ALA A 198 4.50 -25.40 -5.29
CA ALA A 198 5.60 -24.57 -4.81
C ALA A 198 5.23 -23.09 -4.65
N ALA A 199 4.24 -22.60 -5.41
CA ALA A 199 3.78 -21.19 -5.26
C ALA A 199 2.72 -21.02 -4.20
N ILE A 200 2.40 -22.08 -3.44
CA ILE A 200 1.32 -22.01 -2.49
C ILE A 200 1.93 -22.28 -1.12
N LYS A 201 1.64 -21.41 -0.15
CA LYS A 201 2.21 -21.55 1.19
C LYS A 201 1.06 -22.05 2.05
N THR A 202 1.37 -22.68 3.19
CA THR A 202 0.31 -23.20 4.07
C THR A 202 0.51 -22.62 5.47
N ALA A 203 -0.52 -21.93 5.97
CA ALA A 203 -0.50 -21.33 7.31
C ALA A 203 -0.53 -22.40 8.38
N ALA A 204 -0.12 -22.02 9.58
CA ALA A 204 -0.21 -22.94 10.69
C ALA A 204 -1.64 -23.52 10.83
N ASP A 205 -2.66 -22.82 10.38
CA ASP A 205 -4.03 -23.25 10.60
C ASP A 205 -4.55 -24.06 9.40
N GLY A 206 -3.66 -24.40 8.46
CA GLY A 206 -4.03 -25.16 7.32
C GLY A 206 -4.44 -24.34 6.12
N THR A 207 -4.60 -23.04 6.28
CA THR A 207 -5.07 -22.18 5.18
C THR A 207 -4.00 -22.04 4.10
N LYS A 208 -4.36 -22.29 2.84
CA LYS A 208 -3.49 -22.03 1.71
C LYS A 208 -3.37 -20.55 1.42
N LEU A 209 -2.10 -20.11 1.34
CA LEU A 209 -1.77 -18.65 1.18
C LEU A 209 -0.90 -18.41 -0.05
N SER A 210 -0.98 -17.21 -0.54
CA SER A 210 -0.02 -16.66 -1.49
C SER A 210 1.03 -15.79 -0.74
N PHE A 211 0.66 -15.18 0.40
CA PHE A 211 1.56 -14.33 1.17
C PHE A 211 1.18 -14.44 2.63
N GLU A 212 2.20 -14.71 3.46
CA GLU A 212 2.05 -14.96 4.88
C GLU A 212 1.65 -13.70 5.69
N TRP A 213 1.36 -13.94 6.95
CA TRP A 213 1.02 -12.87 7.90
C TRP A 213 2.13 -11.82 8.01
N HIS A 214 1.70 -10.57 8.20
CA HIS A 214 2.58 -9.46 8.29
C HIS A 214 1.84 -8.25 8.71
N GLU A 215 2.61 -7.24 9.12
CA GLU A 215 2.09 -5.90 9.22
C GLU A 215 2.62 -5.08 8.00
N ASP A 216 1.89 -4.04 7.62
CA ASP A 216 2.28 -3.24 6.43
C ASP A 216 3.42 -2.25 6.83
N VAL A 217 4.28 -2.00 5.85
CA VAL A 217 5.34 -0.99 5.92
C VAL A 217 4.74 0.19 5.18
N SER A 218 4.10 1.05 5.96
CA SER A 218 3.38 2.17 5.47
C SER A 218 2.89 2.99 6.68
N LEU A 219 2.48 4.23 6.41
CA LEU A 219 1.63 4.97 7.33
C LEU A 219 0.21 4.40 7.27
N ILE A 220 -0.36 4.42 6.05
CA ILE A 220 -1.59 3.75 5.68
C ILE A 220 -1.42 3.13 4.30
N THR A 221 -2.23 2.14 4.01
CA THR A 221 -2.22 1.42 2.73
C THR A 221 -3.61 1.64 2.12
N VAL A 222 -3.61 2.04 0.85
CA VAL A 222 -4.79 2.42 0.11
C VAL A 222 -4.89 1.50 -1.11
N LEU A 223 -5.78 0.51 -1.02
CA LEU A 223 -5.74 -0.69 -1.89
C LEU A 223 -6.99 -0.86 -2.76
N TYR A 224 -6.79 -0.94 -4.05
CA TYR A 224 -7.79 -1.48 -4.97
C TYR A 224 -7.49 -3.01 -5.25
N GLN A 225 -8.52 -3.86 -5.19
CA GLN A 225 -8.45 -5.22 -5.73
C GLN A 225 -9.71 -5.58 -6.54
N SER A 226 -9.52 -6.53 -7.43
CA SER A 226 -10.58 -7.24 -8.06
C SER A 226 -11.57 -7.79 -7.05
N ASN A 227 -12.73 -8.14 -7.58
CA ASN A 227 -13.79 -8.68 -6.78
C ASN A 227 -13.63 -10.16 -6.55
N VAL A 228 -12.51 -10.54 -5.96
CA VAL A 228 -12.26 -11.91 -5.64
C VAL A 228 -11.77 -11.89 -4.23
N GLN A 229 -12.48 -12.59 -3.33
CA GLN A 229 -12.11 -12.54 -1.90
C GLN A 229 -10.73 -13.20 -1.68
N ASN A 230 -9.89 -12.56 -0.89
CA ASN A 230 -8.54 -13.13 -0.64
C ASN A 230 -7.92 -12.77 0.68
N LEU A 231 -8.22 -11.60 1.22
CA LEU A 231 -7.58 -11.11 2.43
C LEU A 231 -8.20 -11.65 3.69
N GLN A 232 -7.33 -11.94 4.66
CA GLN A 232 -7.80 -12.21 6.02
C GLN A 232 -7.08 -11.33 7.02
N VAL A 233 -7.76 -11.00 8.09
CA VAL A 233 -7.20 -10.21 9.20
C VAL A 233 -7.25 -11.03 10.50
N GLU A 234 -6.19 -10.96 11.29
CA GLU A 234 -6.17 -11.60 12.55
C GLU A 234 -6.91 -10.74 13.55
N THR A 235 -7.87 -11.34 14.25
CA THR A 235 -8.61 -10.64 15.29
C THR A 235 -8.50 -11.50 16.51
N ALA A 236 -9.04 -11.02 17.65
CA ALA A 236 -9.07 -11.86 18.86
C ALA A 236 -9.85 -13.16 18.55
N ALA A 237 -10.87 -13.07 17.69
CA ALA A 237 -11.65 -14.25 17.25
C ALA A 237 -11.02 -15.11 16.13
N GLY A 238 -9.72 -14.92 15.85
CA GLY A 238 -8.93 -15.73 14.88
C GLY A 238 -8.88 -15.00 13.55
N TYR A 239 -8.42 -15.64 12.49
CA TYR A 239 -8.37 -14.97 11.20
C TYR A 239 -9.76 -14.93 10.63
N GLN A 240 -10.16 -13.73 10.18
CA GLN A 240 -11.43 -13.52 9.57
C GLN A 240 -11.29 -13.03 8.14
N ASP A 241 -12.26 -13.37 7.29
CA ASP A 241 -12.23 -13.01 5.88
C ASP A 241 -12.68 -11.54 5.67
N ILE A 242 -11.86 -10.80 4.91
CA ILE A 242 -12.21 -9.46 4.48
C ILE A 242 -12.92 -9.58 3.14
N GLU A 243 -14.15 -9.12 3.08
CA GLU A 243 -14.90 -9.27 1.85
C GLU A 243 -14.25 -8.37 0.77
N ALA A 244 -14.35 -8.80 -0.50
CA ALA A 244 -13.89 -7.99 -1.61
C ALA A 244 -14.98 -6.93 -1.94
N ASP A 245 -14.50 -5.80 -2.45
CA ASP A 245 -15.36 -4.74 -2.95
C ASP A 245 -14.53 -3.99 -4.00
N ASP A 246 -14.69 -4.36 -5.24
CA ASP A 246 -13.94 -3.67 -6.30
C ASP A 246 -14.52 -2.30 -6.72
N THR A 247 -15.41 -1.73 -5.93
CA THR A 247 -15.77 -0.35 -6.15
C THR A 247 -15.15 0.62 -5.11
N GLY A 248 -14.60 0.09 -4.03
CA GLY A 248 -14.03 0.86 -2.96
C GLY A 248 -12.54 0.66 -2.85
N TYR A 249 -11.92 1.43 -1.96
CA TYR A 249 -10.57 1.20 -1.63
C TYR A 249 -10.50 0.64 -0.21
N LEU A 250 -9.75 -0.42 -0.07
CA LEU A 250 -9.57 -1.04 1.24
C LEU A 250 -8.42 -0.28 1.93
N ILE A 251 -8.66 0.19 3.16
CA ILE A 251 -7.71 1.03 3.88
C ILE A 251 -7.35 0.34 5.16
N ASN A 252 -6.04 0.37 5.47
CA ASN A 252 -5.56 -0.07 6.79
C ASN A 252 -4.30 0.70 7.14
N CYS A 253 -3.99 0.69 8.46
CA CYS A 253 -2.79 1.35 8.99
C CYS A 253 -1.63 0.43 8.81
N GLY A 254 -0.44 1.05 8.58
CA GLY A 254 0.82 0.35 8.66
C GLY A 254 1.54 0.60 10.01
N SER A 255 2.71 -0.04 10.17
CA SER A 255 3.37 -0.09 11.48
C SER A 255 3.94 1.33 11.81
N TYR A 256 4.02 2.26 10.84
CA TYR A 256 4.44 3.61 11.16
C TYR A 256 3.32 4.28 11.96
N MET A 257 2.07 4.10 11.51
CA MET A 257 0.94 4.66 12.31
C MET A 257 0.87 4.06 13.71
N ALA A 258 1.09 2.74 13.80
CA ALA A 258 1.21 2.06 15.10
C ALA A 258 2.22 2.70 16.00
N HIS A 259 3.38 2.99 15.43
CA HIS A 259 4.46 3.61 16.21
C HIS A 259 4.02 4.96 16.73
N LEU A 260 3.48 5.78 15.83
CA LEU A 260 3.13 7.17 16.14
C LEU A 260 2.08 7.26 17.18
N THR A 261 1.16 6.31 17.16
CA THR A 261 -0.03 6.38 18.04
C THR A 261 0.10 5.46 19.26
N ASN A 262 1.32 4.94 19.49
CA ASN A 262 1.54 3.97 20.54
C ASN A 262 0.55 2.82 20.52
N ASN A 263 0.33 2.28 19.33
CA ASN A 263 -0.55 1.14 19.11
C ASN A 263 -2.02 1.39 19.43
N TYR A 264 -2.45 2.66 19.59
CA TYR A 264 -3.88 2.97 19.61
C TYR A 264 -4.56 2.58 18.31
N TYR A 265 -3.92 2.93 17.18
CA TYR A 265 -4.24 2.40 15.90
C TYR A 265 -3.20 1.39 15.54
N LYS A 266 -3.52 0.13 15.83
CA LYS A 266 -2.65 -0.99 15.47
C LYS A 266 -2.45 -1.15 13.97
N ALA A 267 -1.30 -1.67 13.58
CA ALA A 267 -1.14 -2.17 12.21
C ALA A 267 -1.71 -3.60 12.21
N PRO A 268 -2.85 -3.80 11.55
CA PRO A 268 -3.45 -5.10 11.66
C PRO A 268 -2.61 -6.16 10.97
N ILE A 269 -2.55 -7.32 11.59
CA ILE A 269 -1.84 -8.45 11.01
C ILE A 269 -2.80 -9.08 10.00
N HIS A 270 -2.32 -9.32 8.80
CA HIS A 270 -3.15 -9.88 7.76
C HIS A 270 -2.32 -10.69 6.86
N ARG A 271 -3.02 -11.43 5.99
CA ARG A 271 -2.43 -12.36 5.05
C ARG A 271 -3.29 -12.54 3.85
N VAL A 272 -2.69 -13.08 2.79
CA VAL A 272 -3.37 -13.26 1.49
C VAL A 272 -3.55 -14.73 1.20
N LYS A 273 -4.81 -15.15 1.17
CA LYS A 273 -5.16 -16.48 0.77
C LYS A 273 -4.80 -16.76 -0.68
N TRP A 274 -4.40 -18.02 -0.91
CA TRP A 274 -4.27 -18.59 -2.21
C TRP A 274 -5.62 -18.78 -2.85
N VAL A 275 -5.78 -18.16 -4.03
CA VAL A 275 -7.03 -18.31 -4.85
C VAL A 275 -6.59 -18.51 -6.27
N ASN A 276 -7.12 -19.54 -6.91
CA ASN A 276 -6.74 -19.78 -8.28
C ASN A 276 -7.65 -18.98 -9.19
N ALA A 277 -7.31 -17.71 -9.33
CA ALA A 277 -8.07 -16.78 -10.16
C ALA A 277 -7.20 -15.69 -10.71
N GLU A 278 -7.51 -15.20 -11.90
CA GLU A 278 -6.76 -14.11 -12.53
C GLU A 278 -7.29 -12.82 -11.92
N ARG A 279 -6.49 -12.09 -11.12
CA ARG A 279 -6.98 -10.95 -10.43
C ARG A 279 -5.87 -9.92 -10.21
N GLN A 280 -6.27 -8.75 -9.73
CA GLN A 280 -5.38 -7.62 -9.59
C GLN A 280 -5.39 -7.18 -8.19
N SER A 281 -4.24 -6.72 -7.72
CA SER A 281 -4.12 -6.20 -6.38
C SER A 281 -3.21 -4.95 -6.58
N LEU A 282 -3.80 -3.79 -6.35
CA LEU A 282 -3.13 -2.50 -6.76
C LEU A 282 -3.00 -1.60 -5.56
N PRO A 283 -2.03 -1.90 -4.71
CA PRO A 283 -1.81 -1.01 -3.57
C PRO A 283 -1.10 0.33 -3.92
N PHE A 284 -1.48 1.36 -3.16
CA PHE A 284 -0.71 2.59 -2.94
C PHE A 284 -0.27 2.61 -1.46
N PHE A 285 1.04 2.52 -1.23
CA PHE A 285 1.63 2.62 0.09
C PHE A 285 1.90 4.09 0.38
N VAL A 286 1.10 4.62 1.35
CA VAL A 286 1.23 6.01 1.79
C VAL A 286 2.45 6.14 2.73
N ASN A 287 3.53 6.58 2.13
CA ASN A 287 4.82 6.83 2.75
C ASN A 287 5.07 8.34 2.79
N LEU A 288 5.76 8.82 3.83
CA LEU A 288 6.04 10.23 3.97
C LEU A 288 7.37 10.54 3.26
N GLY A 289 7.99 11.65 3.61
CA GLY A 289 9.28 12.02 3.10
C GLY A 289 10.42 11.36 3.85
N TYR A 290 11.58 11.33 3.21
CA TYR A 290 12.73 10.62 3.82
C TYR A 290 13.11 11.13 5.21
N ASP A 291 13.00 12.43 5.43
CA ASP A 291 13.37 13.04 6.72
C ASP A 291 12.14 13.40 7.56
N SER A 292 10.92 12.95 7.18
CA SER A 292 9.75 13.24 7.95
C SER A 292 9.86 12.51 9.29
N VAL A 293 9.63 13.24 10.35
CA VAL A 293 9.59 12.69 11.69
C VAL A 293 8.33 13.26 12.32
N ILE A 294 7.48 12.41 12.79
CA ILE A 294 6.39 12.83 13.61
C ILE A 294 6.63 12.39 15.04
N ASP A 295 6.40 13.28 16.01
CA ASP A 295 6.67 12.89 17.40
C ASP A 295 5.56 11.95 17.86
N PRO A 296 6.00 10.81 18.45
CA PRO A 296 5.02 9.81 18.80
C PRO A 296 4.15 10.33 19.96
N PHE A 297 2.89 9.92 20.04
CA PHE A 297 2.01 10.40 21.09
C PHE A 297 1.10 9.25 21.46
N ASP A 298 0.26 9.44 22.45
CA ASP A 298 -0.63 8.37 22.94
C ASP A 298 -2.00 8.99 23.29
N PRO A 299 -2.99 8.81 22.39
CA PRO A 299 -4.37 9.29 22.55
C PRO A 299 -5.19 8.62 23.65
N ARG A 300 -4.61 7.63 24.33
CA ARG A 300 -5.22 7.00 25.52
C ARG A 300 -4.62 7.47 26.84
N GLU A 301 -3.59 8.30 26.75
CA GLU A 301 -2.92 8.83 27.94
C GLU A 301 -3.31 10.29 28.16
N PRO A 302 -3.64 10.65 29.42
CA PRO A 302 -4.02 12.03 29.70
C PRO A 302 -3.11 13.11 29.11
N ASN A 303 -1.80 13.00 29.29
CA ASN A 303 -0.94 14.09 28.78
C ASN A 303 -0.53 13.88 27.30
N GLY A 304 -1.04 12.82 26.67
CA GLY A 304 -0.68 12.52 25.30
C GLY A 304 0.71 11.95 25.09
N LYS A 305 1.49 11.75 26.17
CA LYS A 305 2.92 11.40 26.06
C LYS A 305 3.11 9.90 25.81
N SER A 306 4.16 9.60 25.08
CA SER A 306 4.51 8.27 24.70
C SER A 306 5.97 8.01 25.08
N ASP A 307 6.32 6.76 25.47
CA ASP A 307 7.74 6.37 25.69
C ASP A 307 8.34 5.70 24.45
N ARG A 308 7.90 6.13 23.28
CA ARG A 308 8.44 5.70 22.00
C ARG A 308 9.35 6.83 21.50
N GLU A 309 10.47 6.48 20.86
CA GLU A 309 11.39 7.48 20.31
C GLU A 309 11.06 7.85 18.87
N PRO A 310 11.27 9.12 18.48
CA PRO A 310 11.01 9.51 17.10
C PRO A 310 11.83 8.70 16.14
N LEU A 311 11.20 8.34 15.01
CA LEU A 311 11.79 7.55 13.97
C LEU A 311 11.50 8.26 12.66
N SER A 312 12.55 8.55 11.89
CA SER A 312 12.38 9.24 10.60
C SER A 312 11.75 8.24 9.65
N TYR A 313 10.89 8.71 8.77
CA TYR A 313 10.22 7.85 7.82
C TYR A 313 11.23 7.08 6.93
N GLY A 314 12.30 7.74 6.49
CA GLY A 314 13.22 7.07 5.60
C GLY A 314 13.87 5.85 6.23
N ASP A 315 14.30 6.03 7.47
CA ASP A 315 14.84 4.96 8.33
CA ASP A 315 14.85 4.95 8.28
C ASP A 315 13.83 3.80 8.42
N TYR A 316 12.63 4.17 8.77
CA TYR A 316 11.53 3.20 8.93
C TYR A 316 11.36 2.40 7.63
N LEU A 317 11.28 3.13 6.53
CA LEU A 317 10.94 2.53 5.24
C LEU A 317 12.05 1.59 4.74
N GLN A 318 13.28 2.06 4.72
CA GLN A 318 14.36 1.25 4.15
CA GLN A 318 14.38 1.25 4.16
C GLN A 318 14.54 -0.06 4.94
N ASN A 319 14.47 0.02 6.28
CA ASN A 319 14.65 -1.18 7.07
CA ASN A 319 14.56 -1.15 7.18
C ASN A 319 13.36 -2.08 7.05
N GLY A 320 12.19 -1.47 7.08
CA GLY A 320 10.87 -2.14 6.86
C GLY A 320 10.86 -3.00 5.59
N LEU A 321 11.30 -2.42 4.49
CA LEU A 321 11.16 -3.11 3.24
C LEU A 321 12.09 -4.28 3.14
N VAL A 322 13.28 -4.10 3.70
CA VAL A 322 14.24 -5.20 3.81
C VAL A 322 13.69 -6.31 4.69
N SER A 323 13.19 -5.96 5.88
CA SER A 323 12.72 -6.96 6.82
C SER A 323 11.56 -7.74 6.25
N LEU A 324 10.64 -7.07 5.57
CA LEU A 324 9.49 -7.75 5.01
C LEU A 324 9.93 -8.76 3.94
N ILE A 325 10.94 -8.37 3.14
CA ILE A 325 11.52 -9.37 2.14
C ILE A 325 12.13 -10.58 2.87
N ASN A 326 12.89 -10.29 3.93
CA ASN A 326 13.48 -11.35 4.74
CA ASN A 326 13.49 -11.39 4.69
C ASN A 326 12.41 -12.30 5.29
N LYS A 327 11.34 -11.71 5.89
CA LYS A 327 10.27 -12.46 6.60
C LYS A 327 9.39 -13.27 5.64
N ASN A 328 8.95 -12.57 4.59
CA ASN A 328 7.93 -13.10 3.68
C ASN A 328 8.36 -13.31 2.23
N GLY A 329 9.64 -13.15 1.92
CA GLY A 329 10.11 -13.50 0.56
C GLY A 329 10.13 -12.37 -0.44
N GLN A 330 11.00 -12.47 -1.45
CA GLN A 330 11.10 -11.48 -2.54
C GLN A 330 9.87 -11.64 -3.39
N THR A 331 9.07 -10.58 -3.52
CA THR A 331 7.87 -10.63 -4.37
C THR A 331 8.26 -10.40 -5.82
#